data_4DMO
#
_entry.id   4DMO
#
_cell.length_a   90.430
_cell.length_b   44.520
_cell.length_c   132.970
_cell.angle_alpha   90.00
_cell.angle_beta   103.80
_cell.angle_gamma   90.00
#
_symmetry.space_group_name_H-M   'C 1 2 1'
#
loop_
_entity.id
_entity.type
_entity.pdbx_description
1 polymer 'N-hydroxyarylamine O-acetyltransferase'
2 non-polymer 3-(1-methylpiperidinium-1-yl)propane-1-sulfonate
3 water water
#
_entity_poly.entity_id   1
_entity_poly.type   'polypeptide(L)'
_entity_poly.pdbx_seq_one_letter_code
;GSMTDFQKQFFARLHIEEKDTVSFEDLSNIMYAMAQTVPFENLNILEKNFKEISKENLKEKILVNNRGGLCYELNPTMYY
FLKDSGFDVHLVSGTVYNAANSIWAVDSGHIATVLTHHNELYLIEVGFGSYLPLAPVPFLGEVIHSATGDYRIRKEMTEK
GNYILEMRKNNEFLDQSAADDWTLGYAFYIEEVDEEKANTAQKIIVEHEGSPFNKVPLIVKLTEDGHASLTKDSLTVAKN
GKKTKETVTDMQYTNLLHSKFGITL
;
_entity_poly.pdbx_strand_id   A,B
#
# COMPACT_ATOMS: atom_id res chain seq x y z
N MET A 3 -11.57 2.81 -13.38
CA MET A 3 -10.94 1.45 -13.49
C MET A 3 -9.42 1.52 -13.60
N THR A 4 -8.69 0.99 -12.62
CA THR A 4 -7.22 1.02 -12.68
C THR A 4 -6.69 -0.03 -13.66
N ASP A 5 -5.39 0.04 -13.93
CA ASP A 5 -4.76 -0.93 -14.81
C ASP A 5 -4.81 -2.34 -14.17
N PHE A 6 -4.57 -2.41 -12.87
CA PHE A 6 -4.66 -3.66 -12.13
C PHE A 6 -6.00 -4.33 -12.41
N GLN A 7 -7.08 -3.59 -12.24
CA GLN A 7 -8.43 -4.09 -12.50
C GLN A 7 -8.62 -4.60 -13.94
N LYS A 8 -8.12 -3.82 -14.90
CA LYS A 8 -8.31 -4.19 -16.29
C LYS A 8 -7.56 -5.49 -16.63
N GLN A 9 -6.31 -5.58 -16.20
CA GLN A 9 -5.50 -6.79 -16.41
C GLN A 9 -6.09 -7.98 -15.70
N PHE A 10 -6.73 -7.73 -14.56
CA PHE A 10 -7.37 -8.76 -13.77
C PHE A 10 -8.59 -9.33 -14.50
N PHE A 11 -9.50 -8.49 -14.96
CA PHE A 11 -10.65 -8.99 -15.71
C PHE A 11 -10.12 -9.78 -16.94
N ALA A 12 -9.10 -9.23 -17.60
CA ALA A 12 -8.53 -9.87 -18.78
C ALA A 12 -7.98 -11.26 -18.43
N ARG A 13 -7.21 -11.35 -17.35
CA ARG A 13 -6.67 -12.62 -16.88
C ARG A 13 -7.79 -13.64 -16.64
N LEU A 14 -8.88 -13.19 -16.02
CA LEU A 14 -9.97 -14.11 -15.67
C LEU A 14 -10.90 -14.41 -16.82
N HIS A 15 -10.74 -13.69 -17.93
CA HIS A 15 -11.65 -13.83 -19.08
C HIS A 15 -13.11 -13.57 -18.73
N ILE A 16 -13.33 -12.53 -17.94
CA ILE A 16 -14.68 -12.08 -17.60
C ILE A 16 -14.88 -10.61 -18.00
N GLU A 17 -16.14 -10.19 -18.07
CA GLU A 17 -16.44 -8.82 -18.49
C GLU A 17 -15.79 -7.74 -17.61
N GLU A 18 -15.23 -6.71 -18.22
CA GLU A 18 -14.85 -5.54 -17.46
C GLU A 18 -16.11 -5.01 -16.73
N LYS A 19 -15.91 -4.43 -15.55
CA LYS A 19 -17.01 -3.82 -14.80
C LYS A 19 -16.50 -2.60 -14.04
N ASP A 20 -17.15 -1.45 -14.24
CA ASP A 20 -16.76 -0.22 -13.54
C ASP A 20 -17.36 -0.16 -12.13
N THR A 21 -18.37 -0.99 -11.89
CA THR A 21 -18.88 -1.19 -10.54
C THR A 21 -18.94 -2.69 -10.22
N VAL A 22 -18.14 -3.13 -9.26
CA VAL A 22 -18.13 -4.53 -8.83
C VAL A 22 -18.95 -4.72 -7.54
N SER A 23 -19.90 -5.63 -7.56
CA SER A 23 -20.75 -5.82 -6.40
C SER A 23 -20.33 -7.03 -5.62
N PHE A 24 -20.90 -7.17 -4.41
CA PHE A 24 -20.62 -8.33 -3.58
C PHE A 24 -21.07 -9.61 -4.23
N GLU A 25 -22.25 -9.56 -4.82
CA GLU A 25 -22.86 -10.73 -5.42
C GLU A 25 -22.02 -11.26 -6.58
N ASP A 26 -21.14 -10.38 -7.11
CA ASP A 26 -20.19 -10.69 -8.18
C ASP A 26 -18.97 -11.51 -7.71
N LEU A 27 -18.65 -11.44 -6.43
CA LEU A 27 -17.39 -11.97 -5.91
C LEU A 27 -17.24 -13.47 -6.14
N SER A 28 -18.31 -14.19 -5.85
CA SER A 28 -18.36 -15.62 -6.07
C SER A 28 -17.97 -15.98 -7.50
N ASN A 29 -18.45 -15.22 -8.47
CA ASN A 29 -18.19 -15.64 -9.83
C ASN A 29 -16.81 -15.22 -10.25
N ILE A 30 -16.31 -14.14 -9.68
CA ILE A 30 -14.95 -13.75 -9.95
C ILE A 30 -13.99 -14.81 -9.37
N MET A 31 -14.31 -15.31 -8.17
CA MET A 31 -13.49 -16.31 -7.50
C MET A 31 -13.45 -17.58 -8.29
N TYR A 32 -14.60 -17.94 -8.83
CA TYR A 32 -14.72 -19.13 -9.65
C TYR A 32 -13.84 -18.98 -10.89
N ALA A 33 -13.98 -17.82 -11.55
CA ALA A 33 -13.16 -17.51 -12.71
C ALA A 33 -11.67 -17.53 -12.35
N MET A 34 -11.30 -16.96 -11.21
CA MET A 34 -9.90 -16.99 -10.80
C MET A 34 -9.43 -18.43 -10.65
N ALA A 35 -10.26 -19.33 -10.13
CA ALA A 35 -9.82 -20.70 -9.93
C ALA A 35 -9.65 -21.39 -11.24
N GLN A 36 -10.46 -21.01 -12.24
CA GLN A 36 -10.39 -21.66 -13.55
C GLN A 36 -9.15 -21.22 -14.35
N THR A 37 -8.62 -20.05 -14.02
CA THR A 37 -7.57 -19.44 -14.83
C THR A 37 -6.19 -19.33 -14.18
N VAL A 38 -6.15 -19.06 -12.89
CA VAL A 38 -4.90 -18.88 -12.18
C VAL A 38 -4.59 -20.08 -11.34
N PRO A 39 -3.54 -20.81 -11.71
CA PRO A 39 -3.20 -22.00 -10.96
C PRO A 39 -2.40 -21.72 -9.68
N PHE A 40 -2.49 -22.69 -8.77
CA PHE A 40 -1.66 -22.75 -7.59
C PHE A 40 -0.35 -23.37 -8.04
N GLU A 41 0.74 -22.63 -7.95
CA GLU A 41 2.05 -23.13 -8.39
C GLU A 41 3.23 -22.52 -7.63
N ASN A 42 4.30 -23.29 -7.49
CA ASN A 42 5.43 -22.89 -6.68
C ASN A 42 6.72 -22.70 -7.44
N LEU A 43 6.61 -22.57 -8.75
CA LEU A 43 7.78 -22.71 -9.59
C LEU A 43 8.79 -21.58 -9.41
N ASN A 44 8.36 -20.38 -8.98
CA ASN A 44 9.32 -19.30 -8.80
C ASN A 44 10.24 -19.48 -7.59
N ILE A 45 9.86 -20.38 -6.67
CA ILE A 45 10.74 -20.76 -5.55
C ILE A 45 11.86 -21.64 -6.05
N LEU A 46 11.51 -22.57 -6.93
CA LEU A 46 12.48 -23.51 -7.47
C LEU A 46 13.42 -22.88 -8.52
N GLU A 47 12.87 -21.96 -9.30
CA GLU A 47 13.66 -21.17 -10.22
C GLU A 47 14.38 -20.03 -9.54
N LYS A 48 14.12 -19.85 -8.25
CA LYS A 48 14.79 -18.81 -7.48
C LYS A 48 14.64 -17.46 -8.15
N ASN A 49 13.43 -17.17 -8.63
CA ASN A 49 13.15 -15.84 -9.18
C ASN A 49 11.89 -15.26 -8.62
N PHE A 50 11.56 -15.64 -7.39
CA PHE A 50 10.48 -14.97 -6.66
C PHE A 50 10.88 -13.51 -6.41
N LYS A 51 9.90 -12.63 -6.27
CA LYS A 51 10.18 -11.23 -5.95
C LYS A 51 9.41 -10.84 -4.73
N GLU A 52 9.69 -9.61 -4.31
CA GLU A 52 8.96 -8.97 -3.25
C GLU A 52 7.47 -9.03 -3.56
N ILE A 53 6.66 -9.28 -2.55
CA ILE A 53 5.23 -9.30 -2.73
C ILE A 53 4.73 -7.85 -2.77
N SER A 54 4.24 -7.43 -3.93
CA SER A 54 3.75 -6.09 -4.13
C SER A 54 2.70 -6.13 -5.21
N LYS A 55 1.91 -5.08 -5.31
CA LYS A 55 0.89 -4.98 -6.32
C LYS A 55 1.49 -5.03 -7.73
N GLU A 56 2.58 -4.29 -7.93
CA GLU A 56 3.23 -4.25 -9.25
C GLU A 56 3.87 -5.57 -9.62
N ASN A 57 4.68 -6.13 -8.73
CA ASN A 57 5.29 -7.42 -9.01
C ASN A 57 4.20 -8.48 -9.29
N LEU A 58 3.09 -8.41 -8.57
CA LEU A 58 2.07 -9.44 -8.74
C LEU A 58 1.27 -9.24 -10.03
N LYS A 59 0.96 -7.98 -10.37
CA LYS A 59 0.31 -7.67 -11.65
C LYS A 59 1.12 -8.24 -12.82
N GLU A 60 2.44 -8.07 -12.75
CA GLU A 60 3.39 -8.53 -13.76
C GLU A 60 3.49 -10.06 -13.82
N LYS A 61 3.71 -10.70 -12.67
CA LYS A 61 3.83 -12.15 -12.64
C LYS A 61 2.49 -12.83 -13.00
N ILE A 62 1.42 -12.45 -12.31
CA ILE A 62 0.17 -13.18 -12.41
C ILE A 62 -0.67 -12.71 -13.58
N LEU A 63 -0.81 -11.40 -13.73
CA LEU A 63 -1.77 -10.88 -14.72
C LEU A 63 -1.13 -10.70 -16.09
N VAL A 64 0.08 -10.15 -16.13
CA VAL A 64 0.74 -9.89 -17.39
C VAL A 64 1.41 -11.16 -17.92
N ASN A 65 2.24 -11.80 -17.10
CA ASN A 65 2.98 -12.97 -17.55
C ASN A 65 2.23 -14.31 -17.39
N ASN A 66 0.97 -14.22 -17.02
CA ASN A 66 0.05 -15.36 -16.92
C ASN A 66 0.58 -16.55 -16.12
N ARG A 67 1.23 -16.26 -14.99
CA ARG A 67 1.66 -17.28 -14.05
C ARG A 67 0.65 -17.42 -12.91
N GLY A 68 0.91 -18.37 -12.02
CA GLY A 68 0.12 -18.54 -10.83
C GLY A 68 0.99 -18.24 -9.66
N GLY A 69 0.62 -18.79 -8.51
CA GLY A 69 1.42 -18.58 -7.33
C GLY A 69 0.89 -19.36 -6.16
N LEU A 70 1.49 -19.11 -5.01
CA LEU A 70 1.09 -19.68 -3.73
C LEU A 70 0.18 -18.69 -2.98
N CYS A 71 -0.24 -19.07 -1.78
CA CYS A 71 -1.25 -18.35 -1.04
C CYS A 71 -0.86 -16.88 -0.84
N TYR A 72 0.41 -16.61 -0.58
CA TYR A 72 0.89 -15.28 -0.30
C TYR A 72 1.07 -14.45 -1.55
N GLU A 73 0.83 -15.08 -2.72
CA GLU A 73 0.76 -14.36 -3.98
C GLU A 73 -0.70 -14.25 -4.48
N LEU A 74 -1.47 -15.34 -4.41
CA LEU A 74 -2.83 -15.31 -4.98
C LEU A 74 -3.76 -14.48 -4.13
N ASN A 75 -3.68 -14.60 -2.80
CA ASN A 75 -4.59 -13.84 -1.98
C ASN A 75 -4.31 -12.34 -1.94
N PRO A 76 -3.02 -11.95 -1.91
CA PRO A 76 -2.78 -10.50 -2.07
C PRO A 76 -3.17 -9.99 -3.45
N THR A 77 -3.02 -10.81 -4.49
CA THR A 77 -3.49 -10.41 -5.81
C THR A 77 -4.97 -10.04 -5.76
N MET A 78 -5.78 -10.88 -5.12
CA MET A 78 -7.23 -10.68 -5.06
C MET A 78 -7.50 -9.48 -4.15
N TYR A 79 -6.82 -9.46 -3.03
CA TYR A 79 -6.85 -8.28 -2.17
C TYR A 79 -6.72 -6.96 -2.97
N TYR A 80 -5.66 -6.80 -3.77
CA TYR A 80 -5.46 -5.56 -4.56
C TYR A 80 -6.61 -5.30 -5.52
N PHE A 81 -7.08 -6.34 -6.19
CA PHE A 81 -8.21 -6.18 -7.07
C PHE A 81 -9.42 -5.68 -6.29
N LEU A 82 -9.65 -6.27 -5.12
CA LEU A 82 -10.84 -5.95 -4.31
C LEU A 82 -10.75 -4.52 -3.77
N LYS A 83 -9.55 -4.11 -3.38
CA LYS A 83 -9.28 -2.77 -2.89
C LYS A 83 -9.57 -1.70 -3.96
N ASP A 84 -9.02 -1.87 -5.17
CA ASP A 84 -9.28 -0.94 -6.28
C ASP A 84 -10.75 -0.92 -6.67
N SER A 85 -11.45 -2.02 -6.42
CA SER A 85 -12.88 -2.12 -6.70
C SER A 85 -13.73 -1.50 -5.60
N GLY A 86 -13.09 -0.80 -4.67
CA GLY A 86 -13.84 -0.06 -3.66
C GLY A 86 -14.22 -0.85 -2.41
N PHE A 87 -13.93 -2.15 -2.36
CA PHE A 87 -14.24 -2.95 -1.17
C PHE A 87 -13.32 -2.67 0.02
N ASP A 88 -13.87 -2.84 1.22
CA ASP A 88 -13.10 -2.67 2.44
C ASP A 88 -12.46 -3.99 2.85
N VAL A 89 -11.19 -4.14 2.47
CA VAL A 89 -10.48 -5.42 2.58
C VAL A 89 -9.20 -5.33 3.41
N HIS A 90 -8.81 -6.48 3.93
CA HIS A 90 -7.60 -6.55 4.77
C HIS A 90 -6.94 -7.92 4.61
N LEU A 91 -5.62 -7.97 4.76
CA LEU A 91 -4.90 -9.21 4.77
C LEU A 91 -4.85 -9.73 6.21
N VAL A 92 -4.81 -11.04 6.34
CA VAL A 92 -4.62 -11.69 7.62
C VAL A 92 -3.59 -12.78 7.45
N SER A 93 -2.98 -13.13 8.58
CA SER A 93 -1.93 -14.13 8.64
C SER A 93 -2.43 -15.34 9.41
N GLY A 94 -1.95 -16.50 9.02
CA GLY A 94 -2.31 -17.72 9.68
C GLY A 94 -1.33 -18.83 9.41
N THR A 95 -1.70 -20.02 9.86
CA THR A 95 -0.90 -21.19 9.72
C THR A 95 -1.77 -22.35 9.30
N VAL A 96 -1.35 -23.08 8.27
CA VAL A 96 -2.08 -24.24 7.78
C VAL A 96 -1.88 -25.44 8.71
N TYR A 97 -2.89 -26.30 8.75
CA TYR A 97 -2.84 -27.52 9.54
C TYR A 97 -2.74 -28.71 8.60
N ASN A 98 -1.93 -29.66 9.00
CA ASN A 98 -1.77 -30.84 8.20
C ASN A 98 -2.56 -31.93 8.85
N ALA A 99 -3.84 -31.99 8.53
CA ALA A 99 -4.75 -32.96 9.10
C ALA A 99 -4.22 -34.39 8.96
N ALA A 100 -3.66 -34.73 7.81
CA ALA A 100 -3.10 -36.08 7.61
C ALA A 100 -2.25 -36.47 8.81
N ASN A 101 -1.13 -35.76 8.98
CA ASN A 101 -0.14 -36.11 9.99
C ASN A 101 -0.42 -35.50 11.36
N SER A 102 -1.60 -34.90 11.51
CA SER A 102 -1.99 -34.28 12.77
C SER A 102 -0.91 -33.34 13.33
N ILE A 103 -0.52 -32.34 12.56
CA ILE A 103 0.46 -31.38 13.04
C ILE A 103 0.34 -30.13 12.20
N TRP A 104 0.91 -29.03 12.69
CA TRP A 104 0.88 -27.77 11.97
C TRP A 104 1.90 -27.76 10.88
N ALA A 105 1.59 -27.01 9.83
CA ALA A 105 2.57 -26.66 8.82
C ALA A 105 3.42 -25.55 9.39
N VAL A 106 4.35 -25.05 8.60
CA VAL A 106 5.24 -23.99 9.05
C VAL A 106 4.45 -22.81 9.56
N ASP A 107 4.94 -22.23 10.64
CA ASP A 107 4.26 -21.13 11.33
C ASP A 107 4.16 -19.90 10.43
N SER A 108 2.94 -19.36 10.33
CA SER A 108 2.69 -18.11 9.63
C SER A 108 3.02 -18.20 8.17
N GLY A 109 2.78 -19.39 7.63
CA GLY A 109 2.97 -19.66 6.22
C GLY A 109 1.79 -19.24 5.35
N HIS A 110 0.66 -18.92 5.96
CA HIS A 110 -0.52 -18.60 5.17
C HIS A 110 -0.88 -17.13 5.22
N ILE A 111 -1.39 -16.65 4.09
CA ILE A 111 -1.94 -15.32 4.01
C ILE A 111 -3.28 -15.44 3.34
N ALA A 112 -4.24 -14.62 3.78
CA ALA A 112 -5.58 -14.62 3.21
C ALA A 112 -6.15 -13.22 3.31
N THR A 113 -7.37 -13.06 2.82
CA THR A 113 -8.00 -11.77 2.70
C THR A 113 -9.33 -11.76 3.46
N VAL A 114 -9.63 -10.70 4.20
CA VAL A 114 -10.97 -10.57 4.78
C VAL A 114 -11.64 -9.32 4.20
N LEU A 115 -12.93 -9.47 3.95
CA LEU A 115 -13.75 -8.45 3.31
C LEU A 115 -14.94 -8.08 4.20
N THR A 116 -15.19 -6.78 4.30
CA THR A 116 -16.32 -6.24 5.02
C THR A 116 -17.39 -5.78 4.07
N HIS A 117 -18.57 -6.39 4.17
CA HIS A 117 -19.71 -5.96 3.41
C HIS A 117 -20.93 -5.84 4.33
N HIS A 118 -21.62 -4.70 4.27
CA HIS A 118 -22.82 -4.49 5.08
C HIS A 118 -22.53 -4.84 6.54
N ASN A 119 -21.40 -4.36 7.07
CA ASN A 119 -21.10 -4.57 8.48
C ASN A 119 -20.77 -6.02 8.85
N GLU A 120 -20.64 -6.91 7.88
CA GLU A 120 -20.34 -8.31 8.19
C GLU A 120 -19.08 -8.80 7.49
N LEU A 121 -18.38 -9.70 8.18
CA LEU A 121 -17.06 -10.11 7.76
C LEU A 121 -17.16 -11.36 6.91
N TYR A 122 -16.36 -11.38 5.84
CA TYR A 122 -16.20 -12.55 4.99
C TYR A 122 -14.74 -12.83 4.76
N LEU A 123 -14.37 -14.10 4.79
CA LEU A 123 -13.05 -14.55 4.40
C LEU A 123 -13.05 -14.76 2.89
N ILE A 124 -12.14 -14.07 2.20
CA ILE A 124 -11.94 -14.30 0.77
C ILE A 124 -10.71 -15.20 0.53
N GLU A 125 -10.97 -16.44 0.11
CA GLU A 125 -9.91 -17.43 0.00
C GLU A 125 -9.81 -17.98 -1.41
N VAL A 126 -8.74 -17.57 -2.09
CA VAL A 126 -8.47 -17.99 -3.46
C VAL A 126 -7.10 -18.68 -3.63
N GLY A 127 -6.40 -18.93 -2.52
CA GLY A 127 -5.03 -19.40 -2.58
C GLY A 127 -4.65 -20.68 -1.86
N PHE A 128 -5.64 -21.35 -1.31
CA PHE A 128 -5.41 -22.52 -0.45
C PHE A 128 -5.35 -23.77 -1.30
N GLY A 129 -4.39 -23.82 -2.21
CA GLY A 129 -4.30 -24.94 -3.14
C GLY A 129 -5.58 -25.11 -3.94
N SER A 130 -6.07 -26.34 -4.01
CA SER A 130 -7.34 -26.62 -4.67
C SER A 130 -8.51 -26.65 -3.66
N TYR A 131 -8.23 -26.35 -2.40
CA TYR A 131 -9.26 -26.34 -1.39
C TYR A 131 -9.99 -25.02 -1.34
N LEU A 132 -10.69 -24.70 -2.43
CA LEU A 132 -11.20 -23.37 -2.63
C LEU A 132 -12.71 -23.29 -2.43
N PRO A 133 -13.16 -22.34 -1.61
CA PRO A 133 -14.60 -22.18 -1.38
C PRO A 133 -15.35 -21.65 -2.62
N LEU A 134 -14.64 -21.02 -3.55
CA LEU A 134 -15.24 -20.42 -4.77
C LEU A 134 -16.31 -19.39 -4.46
N ALA A 135 -16.30 -18.91 -3.22
CA ALA A 135 -17.18 -17.82 -2.83
C ALA A 135 -16.71 -17.30 -1.48
N PRO A 136 -17.15 -16.09 -1.10
CA PRO A 136 -16.86 -15.59 0.24
C PRO A 136 -17.39 -16.52 1.35
N VAL A 137 -16.61 -16.66 2.42
CA VAL A 137 -17.03 -17.45 3.54
C VAL A 137 -17.40 -16.50 4.69
N PRO A 138 -18.67 -16.49 5.07
CA PRO A 138 -19.11 -15.58 6.13
C PRO A 138 -18.60 -16.01 7.49
N PHE A 139 -18.07 -15.04 8.21
CA PHE A 139 -17.66 -15.27 9.58
C PHE A 139 -18.84 -15.69 10.49
N LEU A 140 -20.07 -15.37 10.08
CA LEU A 140 -21.27 -15.73 10.85
C LEU A 140 -21.42 -17.23 11.01
N GLY A 141 -20.77 -18.01 10.16
CA GLY A 141 -20.56 -19.39 10.48
C GLY A 141 -21.18 -20.31 9.47
N GLU A 142 -21.92 -19.70 8.56
CA GLU A 142 -22.66 -20.41 7.53
C GLU A 142 -21.75 -21.29 6.67
N VAL A 143 -22.24 -22.45 6.30
CA VAL A 143 -21.49 -23.36 5.45
C VAL A 143 -21.55 -22.96 3.98
N ILE A 144 -20.38 -22.86 3.37
CA ILE A 144 -20.30 -22.60 1.94
C ILE A 144 -20.04 -23.92 1.22
N HIS A 145 -20.92 -24.23 0.26
CA HIS A 145 -20.83 -25.47 -0.50
C HIS A 145 -20.23 -25.20 -1.88
N SER A 146 -19.14 -25.88 -2.21
CA SER A 146 -18.49 -25.70 -3.49
C SER A 146 -18.15 -27.07 -4.04
N ALA A 147 -17.75 -27.14 -5.30
CA ALA A 147 -17.32 -28.41 -5.88
C ALA A 147 -16.02 -28.96 -5.24
N THR A 148 -15.29 -28.13 -4.49
CA THR A 148 -14.07 -28.65 -3.85
C THR A 148 -14.35 -29.19 -2.44
N GLY A 149 -15.53 -28.90 -1.89
CA GLY A 149 -15.85 -29.38 -0.56
C GLY A 149 -16.67 -28.38 0.20
N ASP A 150 -16.86 -28.62 1.50
CA ASP A 150 -17.64 -27.71 2.35
C ASP A 150 -16.72 -26.84 3.23
N TYR A 151 -17.09 -25.58 3.47
CA TYR A 151 -16.21 -24.67 4.22
C TYR A 151 -16.98 -23.80 5.17
N ARG A 152 -16.42 -23.56 6.36
CA ARG A 152 -17.07 -22.70 7.34
C ARG A 152 -16.03 -22.13 8.28
N ILE A 153 -16.35 -20.99 8.85
CA ILE A 153 -15.46 -20.35 9.81
C ILE A 153 -15.98 -20.56 11.23
N ARG A 154 -15.07 -20.77 12.18
CA ARG A 154 -15.45 -20.78 13.57
C ARG A 154 -14.47 -19.94 14.35
N LYS A 155 -15.00 -19.17 15.30
CA LYS A 155 -14.15 -18.47 16.25
C LYS A 155 -13.62 -19.54 17.19
N GLU A 156 -12.31 -19.67 17.23
CA GLU A 156 -11.67 -20.66 18.08
C GLU A 156 -10.19 -20.39 18.28
N MET A 157 -9.84 -20.22 19.55
CA MET A 157 -8.49 -19.96 19.96
C MET A 157 -7.74 -21.24 19.75
N THR A 158 -6.63 -21.15 19.02
CA THR A 158 -5.65 -22.22 18.93
C THR A 158 -4.37 -21.48 19.16
N GLU A 159 -3.28 -22.23 19.11
CA GLU A 159 -1.97 -21.64 19.26
C GLU A 159 -1.51 -20.99 17.94
N LYS A 160 -2.36 -21.00 16.90
CA LYS A 160 -1.96 -20.45 15.60
C LYS A 160 -2.92 -19.39 15.10
N GLY A 161 -3.84 -18.97 15.96
CA GLY A 161 -4.82 -17.98 15.55
C GLY A 161 -5.94 -17.86 16.55
N ASN A 162 -6.92 -17.02 16.24
CA ASN A 162 -8.13 -16.93 17.02
C ASN A 162 -9.37 -17.25 16.20
N TYR A 163 -9.18 -17.63 14.94
CA TYR A 163 -10.27 -18.15 14.10
C TYR A 163 -9.77 -19.35 13.32
N ILE A 164 -10.68 -20.08 12.72
CA ILE A 164 -10.30 -21.23 11.96
C ILE A 164 -11.18 -21.35 10.73
N LEU A 165 -10.58 -21.91 9.68
CA LEU A 165 -11.31 -22.33 8.51
C LEU A 165 -11.36 -23.84 8.49
N GLU A 166 -12.57 -24.36 8.64
CA GLU A 166 -12.81 -25.77 8.64
C GLU A 166 -13.39 -26.19 7.31
N MET A 167 -13.21 -27.45 6.98
CA MET A 167 -13.67 -27.94 5.71
C MET A 167 -13.92 -29.44 5.70
N ARG A 168 -14.72 -29.86 4.73
CA ARG A 168 -14.82 -31.28 4.46
C ARG A 168 -15.06 -31.56 2.98
N LYS A 169 -14.52 -32.68 2.50
CA LYS A 169 -14.90 -33.28 1.22
C LYS A 169 -14.12 -32.73 0.05
N ASP A 180 -14.22 -37.00 5.72
CA ASP A 180 -15.60 -36.65 5.43
C ASP A 180 -16.20 -35.75 6.49
N ASP A 181 -15.60 -35.74 7.67
CA ASP A 181 -16.09 -34.87 8.72
C ASP A 181 -15.24 -33.60 8.72
N TRP A 182 -15.76 -32.58 9.37
CA TRP A 182 -15.10 -31.31 9.47
C TRP A 182 -13.67 -31.45 9.96
N THR A 183 -12.75 -30.83 9.25
CA THR A 183 -11.35 -30.85 9.65
C THR A 183 -10.74 -29.46 9.46
N LEU A 184 -9.78 -29.13 10.33
CA LEU A 184 -9.13 -27.85 10.32
C LEU A 184 -8.30 -27.67 9.06
N GLY A 185 -8.56 -26.57 8.34
CA GLY A 185 -7.81 -26.20 7.14
C GLY A 185 -6.65 -25.34 7.56
N TYR A 186 -6.99 -24.16 8.03
CA TYR A 186 -5.99 -23.37 8.71
C TYR A 186 -6.59 -22.51 9.82
N ALA A 187 -5.70 -22.14 10.74
CA ALA A 187 -5.98 -21.21 11.79
C ALA A 187 -5.40 -19.87 11.37
N PHE A 188 -6.08 -18.79 11.73
CA PHE A 188 -5.58 -17.45 11.46
C PHE A 188 -5.98 -16.48 12.56
N TYR A 189 -5.26 -15.35 12.63
CA TYR A 189 -5.61 -14.24 13.50
C TYR A 189 -6.42 -13.20 12.70
N ILE A 190 -7.48 -12.66 13.29
CA ILE A 190 -8.34 -11.67 12.60
C ILE A 190 -7.63 -10.31 12.47
N GLU A 191 -6.60 -10.13 13.29
CA GLU A 191 -5.79 -8.91 13.30
C GLU A 191 -5.11 -8.65 11.93
N GLU A 192 -5.27 -7.42 11.44
CA GLU A 192 -4.79 -7.02 10.13
C GLU A 192 -3.27 -6.97 10.00
N VAL A 193 -2.82 -7.41 8.84
CA VAL A 193 -1.40 -7.39 8.51
C VAL A 193 -1.22 -6.69 7.15
N ASP A 194 0.03 -6.40 6.80
CA ASP A 194 0.33 -5.75 5.50
C ASP A 194 1.26 -6.59 4.65
N GLU A 195 1.74 -6.02 3.54
CA GLU A 195 2.59 -6.73 2.60
C GLU A 195 3.85 -7.27 3.25
N GLU A 196 4.31 -6.63 4.30
CA GLU A 196 5.55 -7.08 4.95
C GLU A 196 5.33 -8.46 5.58
N LYS A 197 4.12 -8.70 6.10
CA LYS A 197 3.82 -10.02 6.63
C LYS A 197 3.74 -11.01 5.45
N ALA A 198 3.22 -10.55 4.32
CA ALA A 198 3.17 -11.39 3.11
C ALA A 198 4.57 -11.77 2.66
N ASN A 199 5.50 -10.82 2.71
CA ASN A 199 6.86 -11.11 2.28
C ASN A 199 7.50 -12.07 3.26
N THR A 200 7.14 -11.94 4.52
CA THR A 200 7.63 -12.85 5.54
C THR A 200 7.09 -14.26 5.37
N ALA A 201 5.85 -14.39 4.93
CA ALA A 201 5.30 -15.72 4.67
C ALA A 201 6.07 -16.35 3.51
N GLN A 202 6.35 -15.54 2.49
CA GLN A 202 7.17 -16.00 1.37
C GLN A 202 8.52 -16.54 1.82
N LYS A 203 9.22 -15.74 2.61
CA LYS A 203 10.53 -16.11 3.08
C LYS A 203 10.42 -17.43 3.80
N ILE A 204 9.41 -17.55 4.65
CA ILE A 204 9.19 -18.78 5.40
C ILE A 204 9.00 -19.96 4.44
N ILE A 205 8.10 -19.82 3.50
CA ILE A 205 7.79 -20.91 2.58
C ILE A 205 9.00 -21.17 1.62
N VAL A 206 9.71 -20.13 1.21
CA VAL A 206 10.93 -20.40 0.43
C VAL A 206 12.06 -21.13 1.22
N GLU A 207 12.26 -20.72 2.48
CA GLU A 207 13.48 -21.10 3.23
C GLU A 207 13.30 -22.25 4.21
N HIS A 208 12.22 -22.23 4.97
CA HIS A 208 12.06 -23.21 6.03
C HIS A 208 12.28 -24.61 5.48
N GLU A 209 12.88 -25.47 6.30
CA GLU A 209 13.27 -26.81 5.86
C GLU A 209 12.07 -27.72 5.79
N GLY A 210 11.05 -27.35 6.55
CA GLY A 210 9.84 -28.14 6.64
C GLY A 210 8.76 -27.59 5.74
N SER A 211 9.09 -26.62 4.88
CA SER A 211 8.12 -26.10 3.93
C SER A 211 7.79 -27.17 2.91
N PRO A 212 6.50 -27.32 2.60
CA PRO A 212 6.01 -28.27 1.58
C PRO A 212 6.27 -27.80 0.14
N PHE A 213 6.82 -26.59 -0.07
CA PHE A 213 6.77 -25.95 -1.39
C PHE A 213 8.15 -25.58 -1.95
N ASN A 214 9.20 -25.97 -1.25
CA ASN A 214 10.53 -25.63 -1.73
C ASN A 214 11.38 -26.84 -2.11
N LYS A 215 10.76 -28.00 -2.32
CA LYS A 215 11.49 -29.22 -2.71
C LYS A 215 11.28 -29.57 -4.19
N VAL A 216 10.03 -29.81 -4.56
CA VAL A 216 9.70 -30.30 -5.90
C VAL A 216 8.60 -29.45 -6.52
N PRO A 217 8.48 -29.46 -7.86
CA PRO A 217 7.38 -28.72 -8.50
C PRO A 217 6.02 -29.22 -8.05
N LEU A 218 5.12 -28.28 -7.82
CA LEU A 218 3.76 -28.55 -7.42
C LEU A 218 2.85 -27.54 -8.15
N ILE A 219 1.94 -28.03 -8.98
CA ILE A 219 1.01 -27.17 -9.71
C ILE A 219 -0.39 -27.77 -9.65
N VAL A 220 -1.37 -27.03 -9.13
CA VAL A 220 -2.75 -27.50 -9.17
C VAL A 220 -3.69 -26.39 -9.68
N LYS A 221 -4.73 -26.79 -10.39
CA LYS A 221 -5.75 -25.87 -10.86
C LYS A 221 -7.08 -26.56 -11.00
N LEU A 222 -8.14 -25.89 -10.57
CA LEU A 222 -9.48 -26.39 -10.85
C LEU A 222 -9.75 -26.32 -12.33
N THR A 223 -10.66 -27.17 -12.77
CA THR A 223 -11.08 -27.19 -14.13
C THR A 223 -12.60 -27.20 -14.16
N GLU A 224 -13.15 -27.19 -15.36
CA GLU A 224 -14.61 -27.28 -15.60
C GLU A 224 -15.26 -28.40 -14.79
N ASP A 225 -14.62 -29.55 -14.81
CA ASP A 225 -15.28 -30.76 -14.35
C ASP A 225 -14.49 -31.44 -13.25
N GLY A 226 -13.59 -30.70 -12.62
CA GLY A 226 -12.81 -31.23 -11.51
C GLY A 226 -11.54 -30.43 -11.19
N HIS A 227 -10.39 -31.05 -11.41
CA HIS A 227 -9.09 -30.39 -11.21
C HIS A 227 -7.96 -31.18 -11.88
N ALA A 228 -6.79 -30.55 -11.95
CA ALA A 228 -5.60 -31.14 -12.56
C ALA A 228 -4.41 -30.76 -11.68
N SER A 229 -3.51 -31.71 -11.45
CA SER A 229 -2.34 -31.55 -10.58
C SER A 229 -1.10 -32.09 -11.27
N LEU A 230 -0.01 -31.34 -11.18
CA LEU A 230 1.24 -31.74 -11.83
C LEU A 230 2.40 -31.66 -10.85
N THR A 231 3.25 -32.67 -10.89
CA THR A 231 4.52 -32.67 -10.16
C THR A 231 5.66 -33.17 -11.07
N LYS A 232 6.85 -33.22 -10.50
CA LYS A 232 8.04 -33.54 -11.26
C LYS A 232 7.79 -34.87 -11.94
N ASP A 233 6.95 -35.68 -11.34
CA ASP A 233 6.84 -37.04 -11.84
C ASP A 233 5.48 -37.43 -12.42
N SER A 234 4.39 -36.79 -12.00
CA SER A 234 3.09 -37.29 -12.43
C SER A 234 2.00 -36.26 -12.56
N LEU A 235 1.13 -36.51 -13.54
CA LEU A 235 -0.03 -35.69 -13.76
C LEU A 235 -1.29 -36.44 -13.32
N THR A 236 -2.04 -35.77 -12.46
CA THR A 236 -3.30 -36.28 -12.00
C THR A 236 -4.42 -35.39 -12.51
N VAL A 237 -5.35 -35.99 -13.25
CA VAL A 237 -6.55 -35.30 -13.69
C VAL A 237 -7.79 -35.96 -13.09
N ALA A 238 -8.54 -35.20 -12.30
CA ALA A 238 -9.80 -35.67 -11.76
C ALA A 238 -10.99 -35.00 -12.47
N LYS A 239 -11.90 -35.82 -12.97
CA LYS A 239 -13.22 -35.38 -13.41
C LYS A 239 -14.20 -35.93 -12.39
N ASN A 240 -15.50 -35.93 -12.72
CA ASN A 240 -16.51 -36.50 -11.84
C ASN A 240 -16.61 -38.02 -11.96
N GLY A 241 -16.36 -38.70 -10.85
CA GLY A 241 -16.34 -40.14 -10.82
C GLY A 241 -15.23 -40.76 -11.67
N LYS A 242 -14.16 -40.00 -11.91
CA LYS A 242 -13.04 -40.50 -12.73
C LYS A 242 -11.73 -39.72 -12.47
N LYS A 243 -10.66 -40.49 -12.24
CA LYS A 243 -9.35 -39.93 -11.95
C LYS A 243 -8.31 -40.63 -12.78
N THR A 244 -7.46 -39.84 -13.41
CA THR A 244 -6.36 -40.38 -14.16
C THR A 244 -5.06 -39.92 -13.57
N LYS A 245 -4.16 -40.88 -13.34
CA LYS A 245 -2.82 -40.57 -12.90
C LYS A 245 -1.81 -41.14 -13.88
N GLU A 246 -0.86 -40.32 -14.29
CA GLU A 246 0.12 -40.75 -15.26
C GLU A 246 1.48 -40.10 -15.07
N THR A 247 2.50 -40.84 -15.48
CA THR A 247 3.88 -40.43 -15.35
C THR A 247 4.20 -39.36 -16.39
N VAL A 248 5.01 -38.42 -15.96
CA VAL A 248 5.38 -37.28 -16.78
C VAL A 248 6.90 -37.26 -16.81
N THR A 249 7.47 -37.10 -17.99
CA THR A 249 8.93 -36.99 -18.12
C THR A 249 9.31 -35.54 -18.33
N ASP A 250 10.59 -35.23 -18.22
CA ASP A 250 11.04 -33.86 -18.41
C ASP A 250 10.61 -33.32 -19.75
N MET A 251 10.56 -34.20 -20.74
CA MET A 251 10.22 -33.80 -22.11
C MET A 251 8.78 -33.37 -22.24
N GLN A 252 7.92 -33.91 -21.39
CA GLN A 252 6.49 -33.60 -21.51
C GLN A 252 6.08 -32.46 -20.58
N TYR A 253 7.01 -31.99 -19.76
CA TYR A 253 6.68 -31.18 -18.61
C TYR A 253 6.38 -29.72 -19.01
N THR A 254 7.06 -29.25 -20.05
CA THR A 254 6.86 -27.87 -20.54
C THR A 254 5.56 -27.72 -21.26
N ASN A 255 5.28 -28.69 -22.13
CA ASN A 255 4.01 -28.72 -22.82
C ASN A 255 2.84 -28.77 -21.85
N LEU A 256 2.90 -29.66 -20.88
CA LEU A 256 1.85 -29.79 -19.90
C LEU A 256 1.64 -28.51 -19.08
N LEU A 257 2.72 -27.84 -18.72
CA LEU A 257 2.62 -26.63 -17.94
C LEU A 257 1.83 -25.65 -18.74
N HIS A 258 2.08 -25.60 -20.03
CA HIS A 258 1.42 -24.64 -20.88
C HIS A 258 0.01 -25.05 -21.24
N SER A 259 -0.14 -26.27 -21.72
CA SER A 259 -1.43 -26.78 -22.18
C SER A 259 -2.48 -26.94 -21.06
N LYS A 260 -2.06 -27.40 -19.88
CA LYS A 260 -3.01 -27.57 -18.80
C LYS A 260 -3.10 -26.34 -17.91
N PHE A 261 -2.04 -25.58 -17.78
CA PHE A 261 -2.08 -24.54 -16.76
C PHE A 261 -1.78 -23.13 -17.24
N GLY A 262 -1.41 -22.96 -18.50
CA GLY A 262 -1.17 -21.64 -19.06
C GLY A 262 0.14 -21.09 -18.52
N ILE A 263 1.01 -22.00 -18.07
CA ILE A 263 2.28 -21.59 -17.53
C ILE A 263 3.41 -21.74 -18.56
N THR A 264 4.14 -20.66 -18.77
CA THR A 264 5.36 -20.68 -19.59
C THR A 264 6.43 -19.97 -18.80
N LEU A 265 7.52 -20.68 -18.52
CA LEU A 265 8.57 -20.15 -17.65
C LEU A 265 9.61 -19.35 -18.45
N MET B 3 4.71 1.22 -14.18
CA MET B 3 4.17 2.51 -13.59
C MET B 3 2.78 2.36 -12.97
N THR B 4 2.67 2.62 -11.65
CA THR B 4 1.37 2.48 -10.96
C THR B 4 0.41 3.61 -11.30
N ASP B 5 -0.84 3.46 -10.87
CA ASP B 5 -1.86 4.50 -11.09
C ASP B 5 -1.52 5.75 -10.26
N PHE B 6 -1.13 5.51 -9.01
CA PHE B 6 -0.65 6.57 -8.14
C PHE B 6 0.46 7.36 -8.82
N GLN B 7 1.47 6.66 -9.33
CA GLN B 7 2.59 7.31 -10.00
C GLN B 7 2.13 8.19 -11.14
N LYS B 8 1.20 7.67 -11.94
CA LYS B 8 0.76 8.41 -13.14
C LYS B 8 0.04 9.68 -12.75
N GLN B 9 -0.83 9.58 -11.77
CA GLN B 9 -1.59 10.72 -11.27
C GLN B 9 -0.63 11.76 -10.66
N PHE B 10 0.42 11.26 -9.99
CA PHE B 10 1.43 12.10 -9.37
C PHE B 10 2.20 12.88 -10.44
N PHE B 11 2.67 12.22 -11.48
CA PHE B 11 3.36 12.93 -12.55
C PHE B 11 2.45 14.00 -13.15
N ALA B 12 1.20 13.63 -13.41
CA ALA B 12 0.21 14.56 -13.96
C ALA B 12 -0.04 15.77 -13.02
N ARG B 13 -0.23 15.46 -11.74
CA ARG B 13 -0.41 16.52 -10.76
C ARG B 13 0.76 17.53 -10.82
N LEU B 14 2.00 17.02 -10.90
CA LEU B 14 3.18 17.91 -10.85
C LEU B 14 3.49 18.57 -12.17
N HIS B 15 2.73 18.17 -13.21
CA HIS B 15 2.93 18.64 -14.59
C HIS B 15 4.32 18.34 -15.10
N ILE B 16 4.80 17.15 -14.81
CA ILE B 16 6.11 16.73 -15.26
C ILE B 16 6.02 15.44 -16.06
N GLU B 17 7.09 15.19 -16.80
CA GLU B 17 7.17 14.02 -17.65
C GLU B 17 6.90 12.73 -16.87
N GLU B 18 6.08 11.85 -17.41
CA GLU B 18 5.98 10.51 -16.90
C GLU B 18 7.37 9.88 -17.00
N LYS B 19 7.73 9.04 -16.04
CA LYS B 19 8.99 8.30 -16.10
C LYS B 19 8.81 6.90 -15.55
N ASP B 20 9.19 5.90 -16.34
CA ASP B 20 9.04 4.51 -15.94
C ASP B 20 10.20 4.12 -15.02
N THR B 21 11.26 4.92 -15.07
CA THR B 21 12.39 4.78 -14.15
C THR B 21 12.72 6.12 -13.51
N VAL B 22 12.53 6.20 -12.19
CA VAL B 22 12.86 7.40 -11.43
C VAL B 22 14.21 7.24 -10.74
N SER B 23 15.12 8.17 -10.96
CA SER B 23 16.44 8.10 -10.33
C SER B 23 16.53 9.04 -9.15
N PHE B 24 17.58 8.88 -8.35
CA PHE B 24 17.85 9.77 -7.22
C PHE B 24 18.02 11.21 -7.65
N GLU B 25 18.76 11.40 -8.74
CA GLU B 25 19.03 12.74 -9.22
C GLU B 25 17.75 13.46 -9.66
N ASP B 26 16.69 12.68 -9.93
CA ASP B 26 15.40 13.24 -10.32
C ASP B 26 14.63 13.85 -9.14
N LEU B 27 14.95 13.42 -7.93
CA LEU B 27 14.12 13.73 -6.77
C LEU B 27 14.07 15.21 -6.52
N SER B 28 15.21 15.87 -6.60
CA SER B 28 15.26 17.29 -6.34
C SER B 28 14.26 18.05 -7.24
N ASN B 29 14.18 17.66 -8.51
CA ASN B 29 13.34 18.44 -9.43
C ASN B 29 11.90 18.02 -9.27
N ILE B 30 11.67 16.80 -8.86
CA ILE B 30 10.32 16.40 -8.56
C ILE B 30 9.79 17.11 -7.32
N MET B 31 10.67 17.32 -6.33
CA MET B 31 10.30 18.01 -5.10
C MET B 31 10.00 19.45 -5.38
N TYR B 32 10.80 20.03 -6.27
CA TYR B 32 10.60 21.40 -6.70
C TYR B 32 9.22 21.53 -7.35
N ALA B 33 8.89 20.58 -8.23
CA ALA B 33 7.60 20.59 -8.93
C ALA B 33 6.47 20.40 -7.93
N MET B 34 6.64 19.48 -7.01
CA MET B 34 5.61 19.31 -6.03
C MET B 34 5.34 20.65 -5.34
N ALA B 35 6.40 21.44 -5.05
CA ALA B 35 6.22 22.66 -4.30
C ALA B 35 5.53 23.69 -5.16
N GLN B 36 5.79 23.64 -6.46
CA GLN B 36 5.13 24.58 -7.38
C GLN B 36 3.65 24.26 -7.59
N THR B 37 3.23 23.01 -7.36
CA THR B 37 1.86 22.64 -7.73
C THR B 37 0.91 22.25 -6.57
N VAL B 38 1.42 21.62 -5.52
CA VAL B 38 0.60 21.20 -4.40
C VAL B 38 0.77 22.12 -3.20
N PRO B 39 -0.28 22.86 -2.87
CA PRO B 39 -0.10 23.78 -1.76
C PRO B 39 -0.19 23.11 -0.36
N PHE B 40 0.42 23.78 0.59
CA PHE B 40 0.26 23.51 2.00
C PHE B 40 -1.02 24.18 2.43
N GLU B 41 -2.02 23.40 2.85
CA GLU B 41 -3.34 23.94 3.19
C GLU B 41 -4.05 23.09 4.24
N ASN B 42 -4.88 23.75 5.07
CA ASN B 42 -5.56 23.08 6.18
C ASN B 42 -7.08 23.01 6.07
N LEU B 43 -7.63 23.23 4.88
CA LEU B 43 -9.05 23.49 4.76
C LEU B 43 -9.96 22.30 5.12
N ASN B 44 -9.50 21.05 4.96
CA ASN B 44 -10.32 19.91 5.32
C ASN B 44 -10.50 19.75 6.83
N ILE B 45 -9.66 20.42 7.62
CA ILE B 45 -9.85 20.45 9.05
C ILE B 45 -11.01 21.36 9.38
N LEU B 46 -11.04 22.51 8.73
CA LEU B 46 -12.05 23.50 9.01
C LEU B 46 -13.39 23.09 8.43
N GLU B 47 -13.35 22.40 7.28
CA GLU B 47 -14.54 21.83 6.64
C GLU B 47 -14.96 20.53 7.31
N LYS B 48 -14.15 20.07 8.25
CA LYS B 48 -14.44 18.86 9.00
C LYS B 48 -14.72 17.69 8.09
N ASN B 49 -13.96 17.60 7.00
CA ASN B 49 -14.07 16.46 6.08
C ASN B 49 -12.73 15.82 5.74
N PHE B 50 -11.77 15.88 6.67
CA PHE B 50 -10.54 15.11 6.55
C PHE B 50 -10.88 13.60 6.57
N LYS B 51 -10.02 12.79 5.97
CA LYS B 51 -10.24 11.33 6.00
C LYS B 51 -9.02 10.62 6.58
N GLU B 52 -9.15 9.30 6.74
CA GLU B 52 -8.02 8.48 7.13
C GLU B 52 -6.84 8.75 6.20
N ILE B 53 -5.65 8.80 6.77
CA ILE B 53 -4.46 8.97 5.98
C ILE B 53 -4.13 7.60 5.36
N SER B 54 -4.24 7.51 4.04
CA SER B 54 -3.94 6.29 3.32
C SER B 54 -3.63 6.67 1.90
N LYS B 55 -3.02 5.76 1.17
CA LYS B 55 -2.63 6.01 -0.20
C LYS B 55 -3.86 6.34 -1.00
N GLU B 56 -4.93 5.57 -0.77
CA GLU B 56 -6.13 5.70 -1.57
C GLU B 56 -6.75 7.08 -1.34
N ASN B 57 -6.99 7.42 -0.07
CA ASN B 57 -7.53 8.72 0.29
C ASN B 57 -6.62 9.86 -0.18
N LEU B 58 -5.30 9.67 -0.13
CA LEU B 58 -4.41 10.73 -0.57
C LEU B 58 -4.40 10.91 -2.09
N LYS B 59 -4.37 9.82 -2.86
CA LYS B 59 -4.47 9.94 -4.32
C LYS B 59 -5.73 10.73 -4.73
N GLU B 60 -6.84 10.45 -4.05
CA GLU B 60 -8.11 11.09 -4.32
C GLU B 60 -8.06 12.56 -3.92
N LYS B 61 -7.66 12.86 -2.70
CA LYS B 61 -7.65 14.27 -2.26
C LYS B 61 -6.58 15.12 -3.00
N ILE B 62 -5.34 14.64 -3.03
CA ILE B 62 -4.23 15.43 -3.56
C ILE B 62 -4.13 15.32 -5.07
N LEU B 63 -4.21 14.10 -5.60
CA LEU B 63 -3.93 13.94 -7.03
C LEU B 63 -5.19 14.07 -7.90
N VAL B 64 -6.30 13.50 -7.48
CA VAL B 64 -7.52 13.55 -8.28
C VAL B 64 -8.23 14.89 -8.10
N ASN B 65 -8.48 15.26 -6.86
CA ASN B 65 -9.21 16.49 -6.57
C ASN B 65 -8.32 17.76 -6.50
N ASN B 66 -7.04 17.64 -6.88
CA ASN B 66 -6.13 18.80 -6.95
C ASN B 66 -6.14 19.69 -5.73
N ARG B 67 -6.22 19.08 -4.56
CA ARG B 67 -6.08 19.77 -3.29
C ARG B 67 -4.63 19.66 -2.79
N GLY B 68 -4.36 20.32 -1.67
CA GLY B 68 -3.09 20.23 -0.98
C GLY B 68 -3.30 19.58 0.38
N GLY B 69 -2.41 19.85 1.31
CA GLY B 69 -2.57 19.31 2.63
C GLY B 69 -1.52 19.83 3.58
N LEU B 70 -1.53 19.25 4.79
CA LEU B 70 -0.53 19.51 5.84
C LEU B 70 0.51 18.41 5.84
N CYS B 71 1.46 18.48 6.76
CA CYS B 71 2.67 17.68 6.65
C CYS B 71 2.36 16.19 6.58
N TYR B 72 1.38 15.76 7.37
CA TYR B 72 0.98 14.36 7.49
C TYR B 72 0.12 13.89 6.29
N GLU B 73 -0.19 14.82 5.38
CA GLU B 73 -0.78 14.46 4.08
C GLU B 73 0.26 14.54 2.97
N LEU B 74 1.06 15.60 2.93
CA LEU B 74 2.01 15.80 1.81
C LEU B 74 3.18 14.82 1.85
N ASN B 75 3.75 14.57 3.04
CA ASN B 75 4.91 13.71 3.10
C ASN B 75 4.56 12.23 2.82
N PRO B 76 3.40 11.77 3.30
CA PRO B 76 2.96 10.41 2.91
C PRO B 76 2.61 10.29 1.43
N THR B 77 2.06 11.34 0.84
CA THR B 77 1.80 11.32 -0.59
C THR B 77 3.12 11.07 -1.32
N MET B 78 4.18 11.78 -0.93
CA MET B 78 5.46 11.66 -1.60
C MET B 78 6.02 10.28 -1.32
N TYR B 79 5.95 9.85 -0.07
CA TYR B 79 6.32 8.50 0.34
C TYR B 79 5.75 7.41 -0.57
N TYR B 80 4.43 7.43 -0.78
CA TYR B 80 3.80 6.40 -1.62
C TYR B 80 4.35 6.44 -3.05
N PHE B 81 4.61 7.65 -3.54
CA PHE B 81 5.17 7.79 -4.86
C PHE B 81 6.56 7.21 -4.90
N LEU B 82 7.36 7.47 -3.87
CA LEU B 82 8.75 7.02 -3.88
C LEU B 82 8.79 5.51 -3.79
N LYS B 83 7.90 4.95 -2.97
CA LYS B 83 7.76 3.51 -2.80
C LYS B 83 7.41 2.83 -4.10
N ASP B 84 6.39 3.32 -4.80
CA ASP B 84 6.03 2.73 -6.10
C ASP B 84 7.20 2.89 -7.09
N SER B 85 8.01 3.93 -6.89
CA SER B 85 9.17 4.18 -7.73
C SER B 85 10.37 3.32 -7.32
N GLY B 86 10.15 2.39 -6.40
CA GLY B 86 11.18 1.43 -6.07
C GLY B 86 12.20 1.85 -5.03
N PHE B 87 12.12 3.08 -4.56
CA PHE B 87 13.05 3.57 -3.53
C PHE B 87 12.81 2.95 -2.19
N ASP B 88 13.86 2.88 -1.39
CA ASP B 88 13.75 2.31 -0.06
C ASP B 88 13.43 3.43 0.94
N VAL B 89 12.13 3.61 1.20
CA VAL B 89 11.64 4.75 1.99
C VAL B 89 10.86 4.36 3.26
N HIS B 90 10.80 5.30 4.21
CA HIS B 90 10.07 5.09 5.45
C HIS B 90 9.54 6.43 5.97
N LEU B 91 8.50 6.36 6.76
CA LEU B 91 7.96 7.51 7.44
C LEU B 91 8.59 7.61 8.81
N VAL B 92 8.76 8.83 9.28
CA VAL B 92 9.23 9.08 10.64
C VAL B 92 8.34 10.11 11.26
N SER B 93 8.34 10.10 12.58
CA SER B 93 7.49 10.96 13.36
C SER B 93 8.36 11.94 14.08
N GLY B 94 7.83 13.13 14.29
CA GLY B 94 8.55 14.16 15.03
C GLY B 94 7.68 15.27 15.56
N THR B 95 8.32 16.30 16.08
CA THR B 95 7.65 17.45 16.60
C THR B 95 8.33 18.72 16.15
N VAL B 96 7.51 19.65 15.66
CA VAL B 96 8.00 20.95 15.24
C VAL B 96 8.39 21.82 16.43
N TYR B 97 9.38 22.69 16.20
CA TYR B 97 9.78 23.64 17.24
C TYR B 97 9.34 25.04 16.83
N ASN B 98 8.85 25.80 17.79
CA ASN B 98 8.43 27.17 17.55
C ASN B 98 9.53 28.11 18.00
N ALA B 99 10.48 28.36 17.11
CA ALA B 99 11.63 29.19 17.41
C ALA B 99 11.22 30.56 17.97
N ALA B 100 10.19 31.15 17.36
CA ALA B 100 9.73 32.47 17.79
C ALA B 100 9.55 32.49 19.30
N ASN B 101 8.57 31.72 19.77
CA ASN B 101 8.16 31.72 21.15
C ASN B 101 8.96 30.76 21.98
N SER B 102 10.03 30.24 21.41
CA SER B 102 10.94 29.35 22.13
C SER B 102 10.19 28.25 22.89
N ILE B 103 9.44 27.42 22.19
CA ILE B 103 8.74 26.33 22.81
C ILE B 103 8.42 25.33 21.74
N TRP B 104 8.07 24.12 22.15
CA TRP B 104 7.68 23.11 21.21
C TRP B 104 6.26 23.30 20.71
N ALA B 105 6.01 22.91 19.46
CA ALA B 105 4.65 22.82 18.97
C ALA B 105 4.03 21.55 19.57
N VAL B 106 2.79 21.23 19.21
CA VAL B 106 2.13 20.03 19.73
C VAL B 106 3.01 18.79 19.48
N ASP B 107 2.96 17.87 20.43
CA ASP B 107 3.78 16.67 20.39
C ASP B 107 3.37 15.73 19.26
N SER B 108 4.37 15.32 18.46
CA SER B 108 4.16 14.37 17.37
C SER B 108 3.21 14.89 16.27
N GLY B 109 3.21 16.19 16.06
CA GLY B 109 2.39 16.75 15.02
C GLY B 109 3.02 16.58 13.65
N HIS B 110 4.29 16.18 13.60
CA HIS B 110 4.96 16.12 12.30
C HIS B 110 5.26 14.72 11.78
N ILE B 111 5.12 14.57 10.47
CA ILE B 111 5.43 13.35 9.80
C ILE B 111 6.33 13.69 8.64
N ALA B 112 7.30 12.83 8.37
CA ALA B 112 8.20 13.06 7.25
C ALA B 112 8.66 11.73 6.67
N THR B 113 9.44 11.81 5.60
CA THR B 113 9.88 10.63 4.89
C THR B 113 11.43 10.55 4.88
N VAL B 114 11.97 9.36 5.12
CA VAL B 114 13.42 9.17 5.00
C VAL B 114 13.68 8.15 3.91
N LEU B 115 14.69 8.45 3.11
CA LEU B 115 15.03 7.66 1.93
C LEU B 115 16.48 7.15 1.98
N THR B 116 16.66 5.89 1.60
CA THR B 116 17.96 5.26 1.54
C THR B 116 18.42 5.11 0.09
N HIS B 117 19.56 5.73 -0.24
CA HIS B 117 20.19 5.58 -1.55
C HIS B 117 21.69 5.36 -1.46
N HIS B 118 22.19 4.30 -2.11
CA HIS B 118 23.61 3.98 -2.04
C HIS B 118 24.05 3.88 -0.56
N ASN B 119 23.28 3.17 0.27
CA ASN B 119 23.69 2.92 1.66
C ASN B 119 23.63 4.17 2.53
N GLU B 120 23.11 5.27 2.02
CA GLU B 120 23.10 6.52 2.78
C GLU B 120 21.71 7.08 2.95
N LEU B 121 21.52 7.80 4.06
CA LEU B 121 20.20 8.24 4.47
C LEU B 121 19.95 9.66 4.04
N TYR B 122 18.74 9.91 3.52
CA TYR B 122 18.28 11.28 3.21
C TYR B 122 16.88 11.51 3.80
N LEU B 123 16.67 12.72 4.29
CA LEU B 123 15.36 13.19 4.69
C LEU B 123 14.68 13.77 3.46
N ILE B 124 13.49 13.25 3.14
CA ILE B 124 12.66 13.81 2.07
C ILE B 124 11.55 14.67 2.68
N GLU B 125 11.66 15.98 2.54
CA GLU B 125 10.74 16.89 3.22
C GLU B 125 9.98 17.77 2.25
N VAL B 126 8.68 17.51 2.08
CA VAL B 126 7.85 18.32 1.18
C VAL B 126 6.59 18.90 1.89
N GLY B 127 6.51 18.78 3.20
CA GLY B 127 5.30 19.16 3.94
C GLY B 127 5.45 20.18 5.04
N PHE B 128 6.63 20.78 5.16
CA PHE B 128 6.93 21.69 6.27
C PHE B 128 6.58 23.14 5.93
N GLY B 129 5.30 23.40 5.74
CA GLY B 129 4.85 24.69 5.28
C GLY B 129 5.56 25.06 4.00
N SER B 130 6.04 26.30 3.94
CA SER B 130 6.85 26.76 2.82
C SER B 130 8.34 26.62 3.15
N TYR B 131 8.67 26.01 4.27
CA TYR B 131 10.06 25.85 4.65
C TYR B 131 10.65 24.59 4.05
N LEU B 132 10.73 24.60 2.73
CA LEU B 132 11.01 23.42 1.93
C LEU B 132 12.44 23.40 1.39
N PRO B 133 13.13 22.28 1.58
CA PRO B 133 14.50 22.16 1.05
C PRO B 133 14.58 22.06 -0.47
N LEU B 134 13.50 21.60 -1.10
CA LEU B 134 13.43 21.35 -2.54
C LEU B 134 14.47 20.33 -2.99
N ALA B 135 15.00 19.55 -2.05
CA ALA B 135 15.85 18.43 -2.43
C ALA B 135 16.07 17.54 -1.23
N PRO B 136 16.52 16.30 -1.48
CA PRO B 136 16.81 15.45 -0.32
C PRO B 136 17.87 16.12 0.58
N VAL B 137 17.73 15.98 1.89
CA VAL B 137 18.73 16.49 2.83
C VAL B 137 19.52 15.29 3.38
N PRO B 138 20.83 15.24 3.11
CA PRO B 138 21.62 14.10 3.56
C PRO B 138 21.84 14.11 5.07
N PHE B 139 21.65 12.96 5.69
CA PHE B 139 21.94 12.79 7.11
C PHE B 139 23.43 12.97 7.43
N LEU B 140 24.30 12.83 6.42
CA LEU B 140 25.75 13.01 6.61
C LEU B 140 26.04 14.42 7.10
N GLY B 141 25.17 15.36 6.74
CA GLY B 141 25.14 16.63 7.43
C GLY B 141 25.33 17.84 6.55
N GLU B 142 25.62 17.62 5.27
CA GLU B 142 25.85 18.75 4.36
C GLU B 142 24.64 19.66 4.29
N VAL B 143 24.93 20.92 4.11
CA VAL B 143 23.91 21.93 4.00
C VAL B 143 23.22 21.88 2.63
N ILE B 144 21.88 21.85 2.65
CA ILE B 144 21.13 21.98 1.41
C ILE B 144 20.70 23.44 1.26
N HIS B 145 21.07 24.04 0.14
CA HIS B 145 20.72 25.42 -0.17
C HIS B 145 19.49 25.49 -1.09
N SER B 146 18.45 26.21 -0.67
CA SER B 146 17.28 26.36 -1.51
C SER B 146 16.81 27.81 -1.49
N ALA B 147 15.90 28.14 -2.39
CA ALA B 147 15.36 29.48 -2.44
C ALA B 147 14.56 29.82 -1.16
N THR B 148 14.18 28.80 -0.40
CA THR B 148 13.45 29.05 0.85
C THR B 148 14.40 29.15 2.06
N GLY B 149 15.66 28.77 1.87
CA GLY B 149 16.64 28.83 2.95
C GLY B 149 17.64 27.70 2.94
N ASP B 150 18.43 27.63 4.01
CA ASP B 150 19.44 26.60 4.20
C ASP B 150 18.91 25.53 5.16
N TYR B 151 19.25 24.27 4.90
CA TYR B 151 18.75 23.16 5.70
C TYR B 151 19.83 22.13 5.92
N ARG B 152 19.89 21.57 7.12
CA ARG B 152 20.85 20.54 7.41
C ARG B 152 20.35 19.67 8.54
N ILE B 153 20.86 18.46 8.59
CA ILE B 153 20.49 17.53 9.63
C ILE B 153 21.63 17.31 10.61
N ARG B 154 21.29 17.18 11.90
CA ARG B 154 22.27 16.79 12.91
C ARG B 154 21.66 15.70 13.78
N LYS B 155 22.50 14.72 14.13
CA LYS B 155 22.15 13.76 15.16
C LYS B 155 22.18 14.53 16.47
N GLU B 156 21.07 14.56 17.20
CA GLU B 156 21.00 15.30 18.45
C GLU B 156 19.77 14.88 19.26
N MET B 157 20.02 14.41 20.47
CA MET B 157 18.98 13.94 21.35
C MET B 157 18.25 15.14 21.85
N THR B 158 16.93 15.10 21.69
CA THR B 158 16.06 16.04 22.37
C THR B 158 14.96 15.23 23.01
N GLU B 159 14.07 15.92 23.71
CA GLU B 159 12.96 15.24 24.34
C GLU B 159 11.93 14.96 23.26
N LYS B 160 12.21 15.35 22.01
CA LYS B 160 11.27 15.17 20.91
C LYS B 160 11.82 14.32 19.77
N GLY B 161 12.99 13.76 19.97
CA GLY B 161 13.61 12.98 18.90
C GLY B 161 15.06 12.66 19.19
N ASN B 162 15.70 12.02 18.20
CA ASN B 162 17.13 11.78 18.22
C ASN B 162 17.83 12.42 17.03
N TYR B 163 17.11 13.14 16.19
CA TYR B 163 17.73 13.92 15.13
C TYR B 163 17.00 15.26 15.03
N ILE B 164 17.57 16.18 14.30
CA ILE B 164 16.92 17.44 14.07
C ILE B 164 17.14 17.90 12.67
N LEU B 165 16.16 18.64 12.18
CA LEU B 165 16.30 19.39 10.98
C LEU B 165 16.42 20.84 11.37
N GLU B 166 17.60 21.39 11.08
CA GLU B 166 17.91 22.79 11.33
C GLU B 166 17.82 23.59 10.03
N MET B 167 17.59 24.88 10.16
CA MET B 167 17.44 25.73 8.98
C MET B 167 17.81 27.18 9.26
N ARG B 168 18.11 27.92 8.19
CA ARG B 168 18.20 29.35 8.34
C ARG B 168 17.72 30.08 7.10
N LYS B 169 17.09 31.22 7.35
CA LYS B 169 16.90 32.27 6.35
C LYS B 169 15.70 31.94 5.48
N ASP B 180 18.21 34.53 9.28
CA ASP B 180 18.44 34.36 10.72
C ASP B 180 19.71 33.54 10.93
N ASP B 181 19.85 32.96 12.12
CA ASP B 181 20.92 32.01 12.40
C ASP B 181 20.37 30.60 12.38
N TRP B 182 21.22 29.57 12.43
CA TRP B 182 20.69 28.21 12.43
C TRP B 182 19.64 28.05 13.53
N THR B 183 18.46 27.60 13.14
CA THR B 183 17.36 27.44 14.10
C THR B 183 16.73 26.06 13.92
N LEU B 184 16.27 25.51 15.03
CA LEU B 184 15.64 24.20 15.05
C LEU B 184 14.32 24.27 14.29
N GLY B 185 14.14 23.37 13.32
CA GLY B 185 12.92 23.29 12.55
C GLY B 185 12.00 22.30 13.22
N TYR B 186 12.43 21.06 13.18
CA TYR B 186 11.80 20.05 13.98
C TYR B 186 12.78 18.99 14.44
N ALA B 187 12.38 18.30 15.49
CA ALA B 187 13.08 17.12 15.96
C ALA B 187 12.27 15.94 15.50
N PHE B 188 12.96 14.86 15.22
CA PHE B 188 12.31 13.63 14.87
C PHE B 188 13.09 12.43 15.34
N TYR B 189 12.37 11.32 15.46
CA TYR B 189 12.95 10.02 15.75
C TYR B 189 13.18 9.27 14.43
N ILE B 190 14.36 8.66 14.28
CA ILE B 190 14.70 7.89 13.08
C ILE B 190 13.90 6.59 12.95
N GLU B 191 13.38 6.11 14.07
CA GLU B 191 12.57 4.90 14.11
C GLU B 191 11.35 4.97 13.16
N GLU B 192 11.20 3.94 12.35
CA GLU B 192 10.17 3.90 11.32
C GLU B 192 8.77 3.80 11.92
N VAL B 193 7.84 4.56 11.35
CA VAL B 193 6.44 4.52 11.74
C VAL B 193 5.60 4.21 10.50
N ASP B 194 4.32 3.95 10.70
CA ASP B 194 3.43 3.69 9.56
C ASP B 194 2.25 4.65 9.60
N GLU B 195 1.22 4.36 8.81
CA GLU B 195 0.02 5.21 8.71
C GLU B 195 -0.67 5.46 10.03
N GLU B 196 -0.46 4.56 10.99
CA GLU B 196 -1.09 4.68 12.31
C GLU B 196 -0.62 5.98 12.98
N LYS B 197 0.68 6.25 12.85
CA LYS B 197 1.27 7.44 13.45
C LYS B 197 0.88 8.68 12.67
N ALA B 198 0.78 8.53 11.37
CA ALA B 198 0.32 9.62 10.54
C ALA B 198 -1.10 10.02 10.95
N ASN B 199 -1.95 9.04 11.27
CA ASN B 199 -3.33 9.35 11.64
C ASN B 199 -3.42 9.96 13.01
N THR B 200 -2.52 9.52 13.88
CA THR B 200 -2.40 10.10 15.20
C THR B 200 -2.00 11.56 15.07
N ALA B 201 -1.10 11.85 14.14
CA ALA B 201 -0.68 13.25 13.93
C ALA B 201 -1.84 14.10 13.42
N GLN B 202 -2.57 13.59 12.45
CA GLN B 202 -3.76 14.29 11.96
C GLN B 202 -4.72 14.60 13.11
N LYS B 203 -5.00 13.57 13.92
CA LYS B 203 -5.93 13.71 15.03
C LYS B 203 -5.42 14.81 15.95
N ILE B 204 -4.12 14.77 16.25
CA ILE B 204 -3.51 15.73 17.13
C ILE B 204 -3.68 17.12 16.58
N ILE B 205 -3.36 17.31 15.30
CA ILE B 205 -3.44 18.62 14.65
C ILE B 205 -4.93 19.09 14.52
N VAL B 206 -5.84 18.15 14.29
CA VAL B 206 -7.25 18.52 14.29
C VAL B 206 -7.76 18.92 15.68
N GLU B 207 -7.36 18.19 16.71
CA GLU B 207 -8.03 18.31 18.01
C GLU B 207 -7.34 19.20 19.03
N HIS B 208 -6.03 19.07 19.19
CA HIS B 208 -5.33 19.78 20.26
C HIS B 208 -5.69 21.26 20.21
N GLU B 209 -5.84 21.88 21.38
CA GLU B 209 -6.26 23.29 21.47
C GLU B 209 -5.12 24.25 21.18
N GLY B 210 -3.93 23.69 21.09
CA GLY B 210 -2.70 24.42 20.87
C GLY B 210 -2.18 24.17 19.47
N SER B 211 -2.93 23.40 18.68
CA SER B 211 -2.58 23.19 17.28
C SER B 211 -2.68 24.50 16.50
N PRO B 212 -1.68 24.77 15.64
CA PRO B 212 -1.69 25.97 14.82
C PRO B 212 -2.65 25.91 13.63
N PHE B 213 -3.32 24.77 13.40
CA PHE B 213 -3.96 24.54 12.10
C PHE B 213 -5.44 24.25 12.17
N ASN B 214 -6.05 24.34 13.36
CA ASN B 214 -7.46 24.08 13.43
C ASN B 214 -8.30 25.29 13.82
N LYS B 215 -7.76 26.48 13.65
CA LYS B 215 -8.53 27.67 13.99
C LYS B 215 -9.03 28.41 12.76
N VAL B 216 -8.09 28.83 11.93
CA VAL B 216 -8.36 29.68 10.78
C VAL B 216 -7.74 29.09 9.51
N PRO B 217 -8.27 29.46 8.35
CA PRO B 217 -7.69 28.92 7.12
C PRO B 217 -6.26 29.37 6.93
N LEU B 218 -5.40 28.47 6.47
CA LEU B 218 -4.03 28.78 6.16
C LEU B 218 -3.61 28.03 4.86
N ILE B 219 -3.19 28.77 3.86
CA ILE B 219 -2.78 28.18 2.56
C ILE B 219 -1.49 28.87 2.11
N VAL B 220 -0.42 28.10 1.88
CA VAL B 220 0.77 28.69 1.31
C VAL B 220 1.29 27.77 0.22
N LYS B 221 1.91 28.37 -0.80
CA LYS B 221 2.53 27.64 -1.89
C LYS B 221 3.71 28.42 -2.44
N LEU B 222 4.82 27.75 -2.67
CA LEU B 222 5.94 28.40 -3.36
C LEU B 222 5.49 28.72 -4.75
N THR B 223 6.13 29.72 -5.35
CA THR B 223 5.85 30.10 -6.72
C THR B 223 7.18 30.26 -7.45
N GLU B 224 7.10 30.62 -8.73
CA GLU B 224 8.27 30.86 -9.60
C GLU B 224 9.32 31.75 -8.99
N ASP B 225 8.85 32.86 -8.42
CA ASP B 225 9.73 33.93 -7.98
C ASP B 225 9.55 34.23 -6.52
N GLY B 226 8.98 33.29 -5.77
CA GLY B 226 8.84 33.46 -4.34
C GLY B 226 7.82 32.55 -3.67
N HIS B 227 6.75 33.15 -3.16
CA HIS B 227 5.68 32.36 -2.57
C HIS B 227 4.43 33.23 -2.39
N ALA B 228 3.31 32.57 -2.10
CA ALA B 228 2.02 33.23 -1.90
C ALA B 228 1.33 32.55 -0.71
N SER B 229 0.73 33.35 0.18
CA SER B 229 0.07 32.84 1.40
C SER B 229 -1.28 33.51 1.56
N LEU B 230 -2.28 32.71 1.90
CA LEU B 230 -3.63 33.22 2.05
C LEU B 230 -4.21 32.79 3.40
N THR B 231 -4.90 33.72 4.04
CA THR B 231 -5.66 33.43 5.26
C THR B 231 -7.04 34.06 5.11
N LYS B 232 -7.88 33.94 6.13
CA LYS B 232 -9.26 34.40 5.96
C LYS B 232 -9.26 35.88 5.65
N ASP B 233 -8.22 36.57 6.11
CA ASP B 233 -8.26 38.01 6.00
C ASP B 233 -7.26 38.61 5.00
N SER B 234 -6.18 37.93 4.66
CA SER B 234 -5.19 38.59 3.83
C SER B 234 -4.39 37.67 2.96
N LEU B 235 -4.01 38.23 1.81
CA LEU B 235 -3.17 37.56 0.85
C LEU B 235 -1.79 38.20 0.88
N THR B 236 -0.74 37.40 1.05
CA THR B 236 0.61 37.91 0.98
C THR B 236 1.29 37.25 -0.21
N VAL B 237 1.81 38.06 -1.12
CA VAL B 237 2.56 37.54 -2.25
C VAL B 237 3.99 38.09 -2.17
N ALA B 238 4.97 37.19 -2.07
CA ALA B 238 6.37 37.61 -2.03
C ALA B 238 7.11 37.26 -3.30
N LYS B 239 7.74 38.24 -3.89
CA LYS B 239 8.70 37.97 -4.96
C LYS B 239 10.05 38.32 -4.40
N ASN B 240 11.06 38.33 -5.25
CA ASN B 240 12.39 38.68 -4.80
C ASN B 240 12.53 40.19 -4.63
N GLY B 241 12.79 40.58 -3.40
CA GLY B 241 12.87 41.97 -3.07
C GLY B 241 11.55 42.70 -3.21
N LYS B 242 10.43 41.99 -3.12
CA LYS B 242 9.12 42.66 -3.15
C LYS B 242 8.02 41.82 -2.49
N LYS B 243 7.28 42.44 -1.57
CA LYS B 243 6.24 41.76 -0.83
C LYS B 243 4.98 42.59 -0.86
N THR B 244 3.89 41.95 -1.23
CA THR B 244 2.60 42.59 -1.26
C THR B 244 1.71 41.86 -0.27
N LYS B 245 1.05 42.63 0.58
CA LYS B 245 0.05 42.11 1.50
C LYS B 245 -1.26 42.85 1.26
N GLU B 246 -2.38 42.13 1.15
CA GLU B 246 -3.67 42.79 0.91
C GLU B 246 -4.84 42.04 1.53
N THR B 247 -5.84 42.81 1.90
CA THR B 247 -7.00 42.30 2.58
C THR B 247 -7.84 41.51 1.58
N VAL B 248 -8.43 40.45 2.10
CA VAL B 248 -9.25 39.52 1.34
C VAL B 248 -10.62 39.47 2.04
N THR B 249 -11.67 39.55 1.25
CA THR B 249 -13.02 39.39 1.80
C THR B 249 -13.48 38.00 1.40
N ASP B 250 -14.54 37.52 2.05
CA ASP B 250 -15.09 36.20 1.77
C ASP B 250 -15.41 36.09 0.28
N MET B 251 -15.78 37.21 -0.31
CA MET B 251 -16.19 37.26 -1.70
C MET B 251 -15.05 36.93 -2.65
N GLN B 252 -13.81 37.29 -2.24
CA GLN B 252 -12.64 37.12 -3.09
C GLN B 252 -11.93 35.82 -2.78
N TYR B 253 -12.41 35.13 -1.75
CA TYR B 253 -11.63 34.08 -1.15
C TYR B 253 -11.68 32.81 -2.02
N THR B 254 -12.82 32.55 -2.65
CA THR B 254 -12.97 31.34 -3.46
C THR B 254 -12.20 31.46 -4.76
N ASN B 255 -12.31 32.61 -5.41
CA ASN B 255 -11.51 32.91 -6.61
C ASN B 255 -10.01 32.79 -6.35
N LEU B 256 -9.52 33.41 -5.27
CA LEU B 256 -8.13 33.28 -4.89
C LEU B 256 -7.67 31.85 -4.61
N LEU B 257 -8.49 31.07 -3.93
CA LEU B 257 -8.11 29.71 -3.64
C LEU B 257 -7.78 29.04 -4.96
N HIS B 258 -8.59 29.34 -5.97
CA HIS B 258 -8.44 28.67 -7.24
C HIS B 258 -7.34 29.27 -8.15
N SER B 259 -7.35 30.59 -8.30
CA SER B 259 -6.43 31.29 -9.20
C SER B 259 -4.97 31.20 -8.72
N LYS B 260 -4.76 31.34 -7.41
CA LYS B 260 -3.42 31.26 -6.85
C LYS B 260 -3.03 29.85 -6.44
N PHE B 261 -3.97 29.01 -6.02
CA PHE B 261 -3.55 27.74 -5.44
C PHE B 261 -4.13 26.49 -6.08
N GLY B 262 -5.08 26.63 -7.01
CA GLY B 262 -5.67 25.47 -7.68
C GLY B 262 -6.61 24.69 -6.77
N ILE B 263 -7.16 25.37 -5.78
CA ILE B 263 -8.07 24.72 -4.84
C ILE B 263 -9.51 25.10 -5.17
N THR B 264 -10.35 24.08 -5.33
CA THR B 264 -11.78 24.24 -5.47
C THR B 264 -12.40 23.26 -4.54
N LEU B 265 -13.15 23.78 -3.56
CA LEU B 265 -13.73 22.99 -2.49
C LEU B 265 -15.07 22.42 -2.95
#